data_3NW5
#
_entry.id   3NW5
#
_cell.length_a   106.642
_cell.length_b   41.289
_cell.length_c   78.183
_cell.angle_alpha   90.00
_cell.angle_beta   120.21
_cell.angle_gamma   90.00
#
_symmetry.space_group_name_H-M   'C 1 2 1'
#
loop_
_entity.id
_entity.type
_entity.pdbx_description
1 polymer 'Insulin-like growth factor 1 receptor'
2 non-polymer N-(5-cyclopropyl-1H-pyrazol-3-yl)-2-{(2R)-1-[(6-fluoropyridin-3-yl)carbonyl]pyrrolidin-2-yl}pyrrolo[2,1-f][1,2,4]triazin-4-amine
3 water water
#
_entity_poly.entity_id   1
_entity_poly.type   'polypeptide(L)'
_entity_poly.pdbx_seq_one_letter_code
;MVSAADVYVPDEWEVAREKITMSRELGQGSFGMVYEGVAKGVVKDEPETRVAIKTVNEAASMRERIEFLNEASVMKEFNC
HHVVRLLGVVSQGQPTLVIMELMTRGDLKSYLRSLRPEMENNPVLAPPSLSKMIQMAGEIADGMAYLNANKFVHRDLAAR
NCMVAEDFTVKIGDFGMTRDIYETDYYRKGGKGLLPVRWMSPESLKDGVFTTYSDVWSFGVVLWEIATLAEQPYQGLSNE
QVLRFVMEGGLLDKPDNCPDMLFELMRMCWQYNPKMRPSFLEIISSIKEEMEPGFREVSFYYSEENK
;
_entity_poly.pdbx_strand_id   A
#
# COMPACT_ATOMS: atom_id res chain seq x y z
N ASP A 6 20.30 16.32 4.79
CA ASP A 6 20.35 17.58 5.53
C ASP A 6 19.81 18.78 4.71
N VAL A 7 19.06 19.68 5.39
CA VAL A 7 18.50 20.87 4.75
C VAL A 7 17.31 20.58 3.83
N TYR A 8 16.10 21.00 4.24
CA TYR A 8 14.93 20.85 3.40
C TYR A 8 14.66 22.20 2.76
N VAL A 9 14.72 22.25 1.44
CA VAL A 9 14.49 23.50 0.77
C VAL A 9 13.00 23.57 0.32
N PRO A 10 12.26 24.62 0.75
CA PRO A 10 10.85 24.76 0.33
C PRO A 10 10.74 24.91 -1.19
N ASP A 11 9.65 24.38 -1.77
CA ASP A 11 9.39 24.42 -3.21
C ASP A 11 7.95 24.77 -3.51
N GLU A 12 7.47 24.40 -4.70
CA GLU A 12 6.10 24.63 -5.18
C GLU A 12 5.04 23.86 -4.38
N TRP A 13 5.46 22.82 -3.65
CA TRP A 13 4.55 22.03 -2.81
C TRP A 13 4.26 22.70 -1.47
N GLU A 14 4.97 23.83 -1.17
CA GLU A 14 4.78 24.59 0.06
C GLU A 14 3.39 25.16 0.09
N VAL A 15 2.68 24.96 1.21
CA VAL A 15 1.32 25.45 1.42
C VAL A 15 1.36 26.33 2.66
N ALA A 16 0.65 27.47 2.59
CA ALA A 16 0.49 28.42 3.69
C ALA A 16 -0.26 27.68 4.80
N ARG A 17 0.25 27.75 6.04
CA ARG A 17 -0.32 27.11 7.24
C ARG A 17 -1.81 27.41 7.45
N GLU A 18 -2.20 28.67 7.22
CA GLU A 18 -3.55 29.24 7.33
C GLU A 18 -4.61 28.48 6.52
N LYS A 19 -4.20 27.90 5.38
CA LYS A 19 -5.07 27.14 4.49
C LYS A 19 -5.43 25.77 5.06
N ILE A 20 -4.65 25.25 6.06
CA ILE A 20 -4.90 23.93 6.69
C ILE A 20 -5.67 24.03 8.01
N THR A 21 -6.69 23.16 8.17
CA THR A 21 -7.45 22.97 9.40
C THR A 21 -7.41 21.50 9.84
N MET A 22 -6.73 21.21 10.98
CA MET A 22 -6.66 19.87 11.58
C MET A 22 -7.88 19.68 12.49
N SER A 23 -8.58 18.53 12.35
CA SER A 23 -9.77 18.18 13.12
C SER A 23 -9.59 16.90 13.94
N ARG A 24 -10.05 15.75 13.45
CA ARG A 24 -9.89 14.52 14.21
C ARG A 24 -8.65 13.70 13.88
N GLU A 25 -8.11 12.99 14.90
CA GLU A 25 -6.94 12.13 14.77
C GLU A 25 -7.28 10.95 13.89
N LEU A 26 -6.31 10.48 13.09
CA LEU A 26 -6.48 9.23 12.35
C LEU A 26 -5.66 8.18 13.11
N GLY A 27 -4.64 8.64 13.83
CA GLY A 27 -3.80 7.74 14.61
C GLY A 27 -2.33 8.09 14.58
N GLN A 28 -1.56 7.39 15.40
CA GLN A 28 -0.16 7.63 15.58
C GLN A 28 0.64 7.24 14.32
N GLY A 29 1.42 8.17 13.82
CA GLY A 29 2.29 7.94 12.67
C GLY A 29 3.72 7.72 13.15
N SER A 30 4.67 7.66 12.21
CA SER A 30 6.07 7.41 12.52
C SER A 30 6.73 8.61 13.20
N PHE A 31 6.45 9.83 12.72
CA PHE A 31 7.04 11.06 13.27
C PHE A 31 6.10 11.81 14.20
N GLY A 32 4.86 11.39 14.27
CA GLY A 32 3.87 12.04 15.12
C GLY A 32 2.44 11.65 14.81
N MET A 33 1.50 12.33 15.44
CA MET A 33 0.08 12.09 15.22
C MET A 33 -0.29 12.44 13.81
N VAL A 34 -1.20 11.63 13.22
CA VAL A 34 -1.77 11.86 11.89
C VAL A 34 -3.20 12.32 12.17
N TYR A 35 -3.63 13.37 11.47
CA TYR A 35 -4.98 13.90 11.59
C TYR A 35 -5.72 13.85 10.27
N GLU A 36 -7.02 13.99 10.37
CA GLU A 36 -7.99 14.21 9.32
C GLU A 36 -8.22 15.73 9.41
N GLY A 37 -8.63 16.35 8.30
CA GLY A 37 -8.89 17.78 8.30
C GLY A 37 -9.38 18.29 6.97
N VAL A 38 -9.19 19.59 6.71
CA VAL A 38 -9.62 20.21 5.47
C VAL A 38 -8.55 21.20 5.05
N ALA A 39 -8.42 21.39 3.74
CA ALA A 39 -7.42 22.32 3.20
C ALA A 39 -7.98 23.21 2.10
N LYS A 40 -7.39 24.38 1.96
CA LYS A 40 -7.76 25.41 1.00
C LYS A 40 -6.68 25.46 -0.09
N GLY A 41 -7.11 25.42 -1.36
CA GLY A 41 -6.24 25.49 -2.53
C GLY A 41 -5.16 24.41 -2.67
N VAL A 42 -5.47 23.13 -2.31
CA VAL A 42 -4.49 22.04 -2.49
C VAL A 42 -4.82 21.12 -3.65
N VAL A 43 -6.11 21.10 -4.04
CA VAL A 43 -6.61 20.36 -5.19
C VAL A 43 -7.13 21.52 -6.05
N LYS A 44 -6.23 22.05 -6.91
CA LYS A 44 -6.49 23.24 -7.74
C LYS A 44 -6.94 24.38 -6.81
N ASP A 45 -8.10 25.02 -7.08
CA ASP A 45 -8.61 26.10 -6.24
C ASP A 45 -9.77 25.67 -5.34
N GLU A 46 -9.91 24.37 -5.06
CA GLU A 46 -11.00 23.89 -4.20
C GLU A 46 -10.84 24.53 -2.82
N PRO A 47 -11.86 25.27 -2.32
CA PRO A 47 -11.73 25.91 -1.00
C PRO A 47 -11.70 24.92 0.17
N GLU A 48 -12.29 23.73 -0.01
CA GLU A 48 -12.42 22.77 1.08
C GLU A 48 -12.22 21.32 0.63
N THR A 49 -11.01 20.81 0.83
CA THR A 49 -10.79 19.42 0.46
C THR A 49 -10.55 18.64 1.74
N ARG A 50 -11.20 17.45 1.90
CA ARG A 50 -10.98 16.56 3.04
C ARG A 50 -9.58 15.98 2.86
N VAL A 51 -8.70 16.17 3.86
CA VAL A 51 -7.29 15.77 3.77
C VAL A 51 -6.79 14.99 5.00
N ALA A 52 -5.68 14.26 4.82
CA ALA A 52 -5.00 13.61 5.94
C ALA A 52 -3.82 14.48 6.19
N ILE A 53 -3.50 14.73 7.46
CA ILE A 53 -2.41 15.62 7.83
C ILE A 53 -1.41 14.85 8.69
N LYS A 54 -0.18 14.67 8.23
CA LYS A 54 0.85 13.99 9.03
C LYS A 54 1.61 15.10 9.74
N THR A 55 1.94 14.88 11.02
CA THR A 55 2.66 15.84 11.85
C THR A 55 3.96 15.27 12.41
N VAL A 56 4.84 16.16 12.85
CA VAL A 56 6.08 15.81 13.56
C VAL A 56 5.77 16.22 15.01
N ASN A 57 6.00 15.30 15.99
CA ASN A 57 5.78 15.64 17.41
C ASN A 57 6.53 16.94 17.81
N GLU A 58 5.95 17.71 18.76
CA GLU A 58 6.47 19.01 19.24
C GLU A 58 7.93 18.99 19.76
N ALA A 59 8.34 17.87 20.40
CA ALA A 59 9.68 17.68 20.98
C ALA A 59 10.79 17.42 19.95
N ALA A 60 10.46 16.81 18.80
CA ALA A 60 11.39 16.42 17.74
C ALA A 60 12.49 17.41 17.40
N SER A 61 13.68 16.89 17.07
CA SER A 61 14.82 17.71 16.69
C SER A 61 14.63 18.31 15.30
N MET A 62 15.58 19.15 14.89
CA MET A 62 15.67 19.78 13.59
C MET A 62 15.89 18.70 12.51
N ARG A 63 16.78 17.71 12.80
CA ARG A 63 17.16 16.63 11.89
C ARG A 63 15.95 15.78 11.53
N GLU A 64 15.09 15.46 12.52
CA GLU A 64 13.89 14.66 12.43
C GLU A 64 12.87 15.28 11.49
N ARG A 65 12.69 16.61 11.58
CA ARG A 65 11.80 17.39 10.71
C ARG A 65 12.33 17.35 9.31
N ILE A 66 13.66 17.53 9.11
CA ILE A 66 14.28 17.47 7.79
C ILE A 66 14.11 16.07 7.17
N GLU A 67 14.34 15.02 7.99
CA GLU A 67 14.20 13.60 7.63
C GLU A 67 12.74 13.34 7.18
N PHE A 68 11.77 13.77 8.02
CA PHE A 68 10.33 13.68 7.74
C PHE A 68 9.95 14.32 6.40
N LEU A 69 10.41 15.56 6.17
CA LEU A 69 10.15 16.33 4.97
C LEU A 69 10.77 15.67 3.74
N ASN A 70 12.06 15.31 3.80
CA ASN A 70 12.73 14.68 2.67
C ASN A 70 12.17 13.32 2.31
N GLU A 71 11.71 12.57 3.30
CA GLU A 71 11.12 11.26 3.09
C GLU A 71 9.79 11.39 2.37
N ALA A 72 8.89 12.25 2.85
CA ALA A 72 7.58 12.51 2.23
C ALA A 72 7.69 13.05 0.79
N SER A 73 8.78 13.78 0.49
CA SER A 73 9.09 14.42 -0.79
C SER A 73 9.31 13.40 -1.90
N VAL A 74 9.45 12.11 -1.55
CA VAL A 74 9.57 11.03 -2.54
C VAL A 74 8.22 10.94 -3.31
N MET A 75 7.09 11.20 -2.61
CA MET A 75 5.72 11.16 -3.17
C MET A 75 5.43 12.30 -4.19
N LYS A 76 6.23 13.38 -4.19
CA LYS A 76 6.09 14.55 -5.08
C LYS A 76 6.14 14.16 -6.56
N GLU A 77 6.80 13.04 -6.87
CA GLU A 77 6.99 12.49 -8.21
C GLU A 77 5.75 11.79 -8.74
N PHE A 78 4.88 11.33 -7.85
CA PHE A 78 3.72 10.54 -8.24
C PHE A 78 2.38 11.25 -8.42
N ASN A 79 1.64 10.82 -9.40
CA ASN A 79 0.32 11.31 -9.75
C ASN A 79 -0.42 10.15 -10.45
N CYS A 80 -1.08 9.32 -9.65
CA CYS A 80 -1.82 8.17 -10.14
C CYS A 80 -3.07 8.03 -9.28
N HIS A 81 -4.22 7.69 -9.88
CA HIS A 81 -5.49 7.51 -9.16
C HIS A 81 -5.42 6.34 -8.17
N HIS A 82 -4.50 5.42 -8.37
CA HIS A 82 -4.34 4.24 -7.53
C HIS A 82 -3.09 4.30 -6.67
N VAL A 83 -2.55 5.52 -6.48
CA VAL A 83 -1.44 5.73 -5.54
C VAL A 83 -1.85 6.93 -4.68
N VAL A 84 -1.93 6.75 -3.34
CA VAL A 84 -2.27 7.83 -2.35
C VAL A 84 -1.40 9.08 -2.67
N ARG A 85 -2.05 10.25 -2.89
CA ARG A 85 -1.37 11.51 -3.32
C ARG A 85 -0.83 12.35 -2.18
N LEU A 86 0.32 13.00 -2.43
CA LEU A 86 0.89 14.02 -1.58
C LEU A 86 0.23 15.30 -2.14
N LEU A 87 -0.35 16.14 -1.28
CA LEU A 87 -1.05 17.35 -1.71
C LEU A 87 -0.32 18.67 -1.30
N GLY A 88 0.63 18.57 -0.37
CA GLY A 88 1.31 19.77 0.10
C GLY A 88 2.21 19.55 1.30
N VAL A 89 3.03 20.53 1.57
CA VAL A 89 4.00 20.49 2.65
C VAL A 89 3.93 21.84 3.41
N VAL A 90 3.97 21.82 4.74
CA VAL A 90 4.09 23.04 5.56
C VAL A 90 5.44 22.87 6.32
N SER A 91 6.52 23.40 5.74
CA SER A 91 7.87 23.29 6.31
C SER A 91 8.31 24.61 6.99
N GLN A 92 7.43 25.62 6.98
CA GLN A 92 7.67 26.95 7.56
C GLN A 92 6.94 26.98 8.87
N GLY A 93 7.70 27.17 9.94
CA GLY A 93 7.13 27.21 11.27
C GLY A 93 6.81 25.81 11.75
N GLN A 94 6.11 25.75 12.88
CA GLN A 94 5.74 24.50 13.51
C GLN A 94 4.27 24.53 13.94
N PRO A 95 3.55 23.39 13.98
CA PRO A 95 4.00 22.03 13.64
C PRO A 95 4.31 21.83 12.16
N THR A 96 5.32 20.99 11.86
CA THR A 96 5.66 20.71 10.47
C THR A 96 4.67 19.70 9.99
N LEU A 97 4.09 19.94 8.80
CA LEU A 97 3.03 19.08 8.27
C LEU A 97 3.34 18.58 6.87
N VAL A 98 2.70 17.47 6.51
CA VAL A 98 2.69 16.87 5.18
C VAL A 98 1.21 16.53 4.91
N ILE A 99 0.64 17.17 3.89
CA ILE A 99 -0.77 17.03 3.52
C ILE A 99 -0.91 15.95 2.44
N MET A 100 -1.78 14.98 2.69
CA MET A 100 -1.97 13.89 1.75
C MET A 100 -3.43 13.63 1.49
N GLU A 101 -3.71 12.90 0.42
CA GLU A 101 -5.07 12.52 0.09
C GLU A 101 -5.68 11.72 1.28
N LEU A 102 -6.97 11.92 1.55
CA LEU A 102 -7.61 11.21 2.65
C LEU A 102 -8.19 9.87 2.20
N MET A 103 -7.90 8.81 2.97
CA MET A 103 -8.43 7.47 2.70
C MET A 103 -9.16 7.17 4.02
N THR A 104 -10.50 7.39 4.07
CA THR A 104 -11.25 7.27 5.34
C THR A 104 -11.30 5.87 5.90
N ARG A 105 -11.17 4.82 5.05
CA ARG A 105 -11.30 3.44 5.48
C ARG A 105 -10.01 2.78 5.93
N GLY A 106 -8.91 3.55 5.99
CA GLY A 106 -7.59 3.14 6.49
C GLY A 106 -6.91 2.05 5.69
N ASP A 107 -5.96 1.30 6.32
CA ASP A 107 -5.20 0.26 5.62
C ASP A 107 -5.98 -0.94 5.17
N LEU A 108 -5.53 -1.57 4.07
CA LEU A 108 -6.23 -2.71 3.51
C LEU A 108 -6.25 -3.93 4.43
N LYS A 109 -5.18 -4.18 5.20
CA LYS A 109 -5.18 -5.34 6.12
C LYS A 109 -6.27 -5.17 7.23
N SER A 110 -6.34 -3.96 7.86
CA SER A 110 -7.33 -3.61 8.88
C SER A 110 -8.73 -3.65 8.27
N TYR A 111 -8.87 -3.13 7.02
CA TYR A 111 -10.19 -3.16 6.38
C TYR A 111 -10.67 -4.62 6.20
N LEU A 112 -9.76 -5.49 5.70
CA LEU A 112 -10.06 -6.91 5.45
C LEU A 112 -10.36 -7.63 6.74
N ARG A 113 -9.58 -7.36 7.82
CA ARG A 113 -9.80 -8.00 9.10
C ARG A 113 -11.15 -7.57 9.72
N SER A 114 -11.65 -6.36 9.38
CA SER A 114 -12.93 -5.81 9.89
C SER A 114 -14.14 -6.50 9.23
N LEU A 115 -13.89 -7.24 8.16
CA LEU A 115 -14.92 -7.96 7.40
C LEU A 115 -15.12 -9.36 7.97
N ARG A 116 -14.23 -9.82 8.88
CA ARG A 116 -14.35 -11.16 9.46
C ARG A 116 -15.61 -11.29 10.31
N PRO A 117 -16.34 -12.46 10.27
CA PRO A 117 -17.53 -12.60 11.14
C PRO A 117 -17.11 -12.60 12.59
N GLU A 118 -17.72 -11.70 13.38
CA GLU A 118 -17.45 -11.48 14.81
C GLU A 118 -17.73 -12.72 15.69
N MET A 119 -18.75 -13.50 15.32
CA MET A 119 -19.24 -14.67 16.04
C MET A 119 -19.80 -14.28 17.40
N GLU A 120 -21.07 -13.85 17.37
CA GLU A 120 -21.82 -13.34 18.50
C GLU A 120 -23.33 -13.52 18.19
N ASN A 121 -23.66 -14.48 17.28
CA ASN A 121 -25.00 -14.84 16.78
C ASN A 121 -25.71 -13.79 15.92
N ASN A 122 -25.01 -12.68 15.62
CA ASN A 122 -25.50 -11.58 14.80
C ASN A 122 -25.34 -11.85 13.32
N PRO A 123 -26.24 -11.31 12.48
CA PRO A 123 -26.09 -11.50 11.01
C PRO A 123 -24.82 -10.87 10.47
N VAL A 124 -24.26 -11.45 9.40
CA VAL A 124 -23.00 -10.93 8.91
C VAL A 124 -22.98 -10.80 7.39
N LEU A 125 -22.29 -9.79 6.88
CA LEU A 125 -22.13 -9.65 5.44
C LEU A 125 -21.26 -10.81 5.00
N ALA A 126 -21.63 -11.46 3.90
CA ALA A 126 -20.85 -12.54 3.28
C ALA A 126 -19.41 -12.02 2.92
N PRO A 127 -18.37 -12.87 2.80
CA PRO A 127 -17.04 -12.35 2.41
C PRO A 127 -17.04 -11.73 1.01
N PRO A 128 -16.13 -10.75 0.71
CA PRO A 128 -16.11 -10.15 -0.63
C PRO A 128 -16.27 -11.11 -1.81
N SER A 129 -17.12 -10.72 -2.76
CA SER A 129 -17.39 -11.51 -3.95
C SER A 129 -16.15 -11.53 -4.82
N LEU A 130 -16.04 -12.49 -5.74
CA LEU A 130 -14.93 -12.53 -6.68
C LEU A 130 -14.85 -11.17 -7.41
N SER A 131 -16.01 -10.56 -7.82
CA SER A 131 -15.98 -9.26 -8.54
C SER A 131 -15.34 -8.16 -7.74
N LYS A 132 -15.67 -8.06 -6.44
CA LYS A 132 -15.12 -7.08 -5.50
C LYS A 132 -13.63 -7.33 -5.26
N MET A 133 -13.22 -8.61 -5.19
CA MET A 133 -11.83 -9.05 -5.02
C MET A 133 -11.01 -8.73 -6.28
N ILE A 134 -11.63 -8.89 -7.48
CA ILE A 134 -10.97 -8.55 -8.76
C ILE A 134 -10.75 -7.05 -8.88
N GLN A 135 -11.76 -6.26 -8.48
CA GLN A 135 -11.70 -4.79 -8.47
C GLN A 135 -10.49 -4.30 -7.64
N MET A 136 -10.31 -4.86 -6.45
CA MET A 136 -9.22 -4.54 -5.55
C MET A 136 -7.90 -4.93 -6.21
N ALA A 137 -7.84 -6.15 -6.81
CA ALA A 137 -6.67 -6.67 -7.54
C ALA A 137 -6.16 -5.70 -8.61
N GLY A 138 -7.07 -5.19 -9.45
CA GLY A 138 -6.77 -4.30 -10.58
C GLY A 138 -6.27 -2.94 -10.17
N GLU A 139 -6.89 -2.38 -9.12
CA GLU A 139 -6.53 -1.12 -8.53
C GLU A 139 -5.07 -1.16 -8.00
N ILE A 140 -4.74 -2.18 -7.19
CA ILE A 140 -3.39 -2.42 -6.63
C ILE A 140 -2.40 -2.62 -7.76
N ALA A 141 -2.73 -3.54 -8.69
CA ALA A 141 -1.88 -3.84 -9.84
C ALA A 141 -1.67 -2.57 -10.69
N ASP A 142 -2.72 -1.71 -10.82
CA ASP A 142 -2.62 -0.46 -11.61
C ASP A 142 -1.64 0.54 -10.94
N GLY A 143 -1.77 0.73 -9.62
CA GLY A 143 -0.84 1.54 -8.84
C GLY A 143 0.58 1.03 -9.01
N MET A 144 0.77 -0.30 -8.90
CA MET A 144 2.07 -0.92 -9.06
C MET A 144 2.69 -0.82 -10.48
N ALA A 145 1.88 -0.98 -11.54
CA ALA A 145 2.32 -0.84 -12.95
C ALA A 145 2.79 0.59 -13.16
N TYR A 146 2.07 1.57 -12.56
CA TYR A 146 2.42 2.97 -12.61
C TYR A 146 3.78 3.19 -11.92
N LEU A 147 3.97 2.67 -10.72
CA LEU A 147 5.24 2.84 -10.01
C LEU A 147 6.42 2.21 -10.76
N ASN A 148 6.23 1.02 -11.30
CA ASN A 148 7.24 0.30 -12.07
C ASN A 148 7.63 1.09 -13.31
N ALA A 149 6.61 1.63 -14.02
CA ALA A 149 6.80 2.46 -15.20
C ALA A 149 7.64 3.66 -14.84
N ASN A 150 7.47 4.19 -13.61
CA ASN A 150 8.20 5.36 -13.09
C ASN A 150 9.58 5.03 -12.47
N LYS A 151 10.07 3.80 -12.71
CA LYS A 151 11.35 3.20 -12.33
C LYS A 151 11.48 2.80 -10.89
N PHE A 152 10.34 2.57 -10.22
CA PHE A 152 10.39 2.18 -8.82
C PHE A 152 10.15 0.71 -8.57
N VAL A 153 10.88 0.19 -7.57
CA VAL A 153 10.67 -1.12 -7.00
C VAL A 153 10.18 -0.87 -5.57
N HIS A 154 8.96 -1.35 -5.26
CA HIS A 154 8.29 -1.05 -3.98
C HIS A 154 9.01 -1.63 -2.76
N ARG A 155 9.30 -2.95 -2.80
CA ARG A 155 10.01 -3.75 -1.75
C ARG A 155 9.17 -4.14 -0.54
N ASP A 156 7.96 -3.58 -0.39
CA ASP A 156 7.10 -3.93 0.75
C ASP A 156 5.58 -3.92 0.40
N LEU A 157 5.26 -4.49 -0.77
CA LEU A 157 3.87 -4.56 -1.20
C LEU A 157 3.20 -5.57 -0.32
N ALA A 158 2.15 -5.11 0.34
CA ALA A 158 1.40 -5.85 1.34
C ALA A 158 0.13 -5.11 1.54
N ALA A 159 -0.93 -5.80 2.00
CA ALA A 159 -2.24 -5.20 2.26
C ALA A 159 -2.08 -4.06 3.28
N ARG A 160 -1.19 -4.20 4.29
CA ARG A 160 -0.93 -3.17 5.31
C ARG A 160 -0.39 -1.85 4.68
N ASN A 161 0.23 -1.94 3.49
CA ASN A 161 0.82 -0.83 2.75
C ASN A 161 -0.03 -0.33 1.57
N CYS A 162 -1.34 -0.70 1.58
CA CYS A 162 -2.40 -0.27 0.67
C CYS A 162 -3.45 0.42 1.54
N MET A 163 -4.13 1.41 0.99
CA MET A 163 -5.14 2.19 1.70
C MET A 163 -6.49 2.08 0.99
N VAL A 164 -7.59 2.15 1.77
CA VAL A 164 -8.95 2.05 1.24
C VAL A 164 -9.65 3.43 1.35
N ALA A 165 -10.16 3.92 0.23
CA ALA A 165 -10.82 5.23 0.20
C ALA A 165 -12.28 5.13 0.65
N GLU A 166 -12.95 6.29 0.87
CA GLU A 166 -14.37 6.34 1.24
C GLU A 166 -15.24 5.49 0.30
N ASP A 167 -15.01 5.60 -1.03
CA ASP A 167 -15.74 4.84 -2.07
C ASP A 167 -15.23 3.41 -2.30
N PHE A 168 -14.33 2.89 -1.43
CA PHE A 168 -13.81 1.51 -1.51
C PHE A 168 -12.63 1.29 -2.47
N THR A 169 -12.23 2.35 -3.17
CA THR A 169 -11.03 2.29 -4.03
C THR A 169 -9.82 1.95 -3.17
N VAL A 170 -9.10 0.95 -3.59
CA VAL A 170 -7.86 0.57 -2.94
C VAL A 170 -6.75 1.29 -3.69
N LYS A 171 -5.78 1.83 -2.94
CA LYS A 171 -4.64 2.51 -3.53
C LYS A 171 -3.39 2.08 -2.81
N ILE A 172 -2.23 2.27 -3.48
CA ILE A 172 -0.90 1.99 -2.90
C ILE A 172 -0.68 3.09 -1.90
N GLY A 173 -0.43 2.69 -0.67
CA GLY A 173 -0.27 3.66 0.41
C GLY A 173 1.04 4.42 0.37
N ASP A 174 1.10 5.46 1.18
CA ASP A 174 2.25 6.33 1.44
C ASP A 174 3.53 5.49 1.69
N PHE A 175 4.64 5.90 1.05
CA PHE A 175 5.93 5.22 1.13
C PHE A 175 6.66 5.34 2.46
N GLY A 176 7.61 4.42 2.64
CA GLY A 176 8.47 4.26 3.81
C GLY A 176 7.84 4.52 5.17
N MET A 177 6.49 4.40 5.28
CA MET A 177 5.77 4.65 6.53
C MET A 177 6.45 4.10 7.78
N THR A 178 6.70 2.79 7.81
CA THR A 178 7.40 2.04 8.85
C THR A 178 6.65 1.78 10.16
N ARG A 179 7.42 1.77 11.27
CA ARG A 179 7.19 1.52 12.70
C ARG A 179 5.81 1.45 13.33
N ASP A 180 5.67 0.62 14.41
CA ASP A 180 4.52 0.45 15.32
C ASP A 180 3.25 -0.27 14.86
N ILE A 181 3.14 -0.65 13.59
CA ILE A 181 1.85 -1.11 13.07
C ILE A 181 1.54 -2.61 13.05
N TYR A 182 2.26 -3.36 12.22
CA TYR A 182 2.10 -4.82 12.15
C TYR A 182 3.49 -5.39 12.37
N GLU A 183 4.02 -5.21 13.56
CA GLU A 183 5.38 -5.65 13.91
C GLU A 183 5.65 -7.10 13.59
N THR A 184 4.67 -7.98 13.83
CA THR A 184 4.78 -9.43 13.58
C THR A 184 4.89 -9.74 12.07
N ASP A 185 4.63 -8.75 11.20
CA ASP A 185 4.74 -8.86 9.74
C ASP A 185 6.21 -8.77 9.26
N TYR A 186 7.12 -8.44 10.16
CA TYR A 186 8.53 -8.24 9.88
C TYR A 186 9.39 -9.19 10.73
N TYR A 187 10.50 -9.67 10.13
CA TYR A 187 11.41 -10.58 10.80
C TYR A 187 12.82 -10.12 10.64
N ARG A 188 13.58 -10.19 11.73
CA ARG A 188 15.03 -9.90 11.79
C ARG A 188 15.80 -11.13 11.14
N LYS A 189 15.72 -11.27 9.78
CA LYS A 189 16.35 -12.41 9.05
C LYS A 189 17.88 -12.40 9.23
N GLY A 190 18.45 -13.57 9.54
CA GLY A 190 19.88 -13.73 9.84
C GLY A 190 20.31 -12.88 11.03
N GLY A 191 19.34 -12.55 11.91
CA GLY A 191 19.52 -11.69 13.08
C GLY A 191 19.88 -10.26 12.69
N LYS A 192 19.65 -9.89 11.40
CA LYS A 192 19.99 -8.59 10.81
C LYS A 192 18.75 -7.67 10.71
N GLY A 193 18.59 -6.94 9.61
CA GLY A 193 17.48 -6.02 9.38
C GLY A 193 16.10 -6.64 9.25
N LEU A 194 15.09 -5.91 9.72
CA LEU A 194 13.68 -6.26 9.69
C LEU A 194 13.13 -6.37 8.25
N LEU A 195 12.72 -7.57 7.85
CA LEU A 195 12.22 -7.82 6.51
C LEU A 195 10.81 -8.44 6.49
N PRO A 196 9.95 -8.06 5.52
CA PRO A 196 8.62 -8.69 5.44
C PRO A 196 8.68 -10.09 4.80
N VAL A 197 9.39 -11.03 5.46
CA VAL A 197 9.68 -12.39 4.99
C VAL A 197 8.54 -13.18 4.42
N ARG A 198 7.32 -13.07 5.00
CA ARG A 198 6.10 -13.79 4.54
C ARG A 198 5.57 -13.24 3.21
N TRP A 199 6.06 -12.07 2.81
CA TRP A 199 5.68 -11.42 1.54
C TRP A 199 6.81 -11.48 0.53
N MET A 200 7.98 -12.01 0.92
CA MET A 200 9.20 -12.06 0.08
C MET A 200 9.36 -13.20 -0.94
N SER A 201 9.89 -12.86 -2.14
CA SER A 201 10.16 -13.89 -3.15
C SER A 201 11.34 -14.82 -2.71
N PRO A 202 11.45 -16.03 -3.30
CA PRO A 202 12.61 -16.89 -2.97
C PRO A 202 13.97 -16.22 -3.25
N GLU A 203 14.08 -15.46 -4.37
CA GLU A 203 15.33 -14.76 -4.74
C GLU A 203 15.68 -13.61 -3.80
N SER A 204 14.67 -12.85 -3.34
CA SER A 204 14.91 -11.77 -2.36
C SER A 204 15.27 -12.40 -1.02
N LEU A 205 14.77 -13.61 -0.75
CA LEU A 205 15.16 -14.34 0.48
C LEU A 205 16.62 -14.81 0.36
N LYS A 206 17.04 -15.34 -0.84
CA LYS A 206 18.41 -15.80 -1.03
C LYS A 206 19.42 -14.68 -1.10
N ASP A 207 19.18 -13.64 -1.89
CA ASP A 207 20.22 -12.63 -2.10
C ASP A 207 19.97 -11.20 -1.69
N GLY A 208 18.78 -10.93 -1.11
CA GLY A 208 18.44 -9.60 -0.65
C GLY A 208 18.14 -8.57 -1.74
N VAL A 209 18.04 -9.02 -3.00
CA VAL A 209 17.73 -8.11 -4.11
C VAL A 209 16.21 -8.17 -4.42
N PHE A 210 15.62 -6.99 -4.68
CA PHE A 210 14.22 -6.81 -4.98
C PHE A 210 14.03 -6.15 -6.36
N THR A 211 13.12 -6.71 -7.17
CA THR A 211 12.77 -6.17 -8.49
C THR A 211 11.23 -6.06 -8.57
N THR A 212 10.73 -5.60 -9.74
CA THR A 212 9.30 -5.54 -10.07
C THR A 212 8.74 -6.97 -10.06
N TYR A 213 9.60 -7.96 -10.36
CA TYR A 213 9.26 -9.38 -10.37
C TYR A 213 8.98 -9.88 -8.95
N SER A 214 9.78 -9.43 -7.96
CA SER A 214 9.56 -9.80 -6.57
C SER A 214 8.38 -8.98 -5.99
N ASP A 215 8.10 -7.77 -6.56
CA ASP A 215 6.92 -6.98 -6.25
C ASP A 215 5.73 -7.76 -6.74
N VAL A 216 5.87 -8.41 -7.93
CA VAL A 216 4.81 -9.29 -8.48
C VAL A 216 4.48 -10.44 -7.54
N TRP A 217 5.54 -11.09 -6.94
CA TRP A 217 5.40 -12.18 -5.95
C TRP A 217 4.55 -11.69 -4.76
N SER A 218 4.88 -10.52 -4.20
CA SER A 218 4.17 -9.92 -3.05
C SER A 218 2.74 -9.58 -3.43
N PHE A 219 2.49 -9.21 -4.69
CA PHE A 219 1.12 -8.95 -5.17
C PHE A 219 0.29 -10.22 -5.03
N GLY A 220 0.90 -11.35 -5.39
CA GLY A 220 0.24 -12.65 -5.25
C GLY A 220 -0.16 -12.91 -3.81
N VAL A 221 0.71 -12.54 -2.86
CA VAL A 221 0.47 -12.64 -1.43
C VAL A 221 -0.68 -11.69 -1.00
N VAL A 222 -0.75 -10.46 -1.56
CA VAL A 222 -1.84 -9.50 -1.29
C VAL A 222 -3.18 -10.13 -1.72
N LEU A 223 -3.21 -10.75 -2.90
CA LEU A 223 -4.43 -11.44 -3.40
C LEU A 223 -4.87 -12.52 -2.38
N TRP A 224 -3.89 -13.22 -1.80
CA TRP A 224 -4.11 -14.26 -0.80
C TRP A 224 -4.64 -13.62 0.50
N GLU A 225 -4.19 -12.37 0.84
CA GLU A 225 -4.69 -11.68 2.04
C GLU A 225 -6.17 -11.28 1.80
N ILE A 226 -6.49 -10.73 0.61
CA ILE A 226 -7.86 -10.38 0.21
C ILE A 226 -8.75 -11.65 0.31
N ALA A 227 -8.26 -12.77 -0.24
CA ALA A 227 -9.00 -14.05 -0.25
C ALA A 227 -9.20 -14.67 1.12
N THR A 228 -8.28 -14.43 2.08
CA THR A 228 -8.36 -15.02 3.42
C THR A 228 -8.84 -14.05 4.47
N LEU A 229 -9.13 -12.81 4.06
CA LEU A 229 -9.44 -11.72 4.96
C LEU A 229 -8.28 -11.43 5.89
N ALA A 230 -7.09 -11.29 5.28
CA ALA A 230 -5.82 -10.91 5.91
C ALA A 230 -5.37 -11.86 7.02
N GLU A 231 -5.26 -13.14 6.68
CA GLU A 231 -4.72 -14.07 7.64
C GLU A 231 -3.19 -13.85 7.53
N GLN A 232 -2.42 -14.39 8.46
CA GLN A 232 -0.97 -14.31 8.39
C GLN A 232 -0.52 -15.30 7.31
N PRO A 233 0.29 -14.90 6.29
CA PRO A 233 0.73 -15.88 5.29
C PRO A 233 1.62 -16.91 5.96
N TYR A 234 1.41 -18.22 5.65
CA TYR A 234 2.15 -19.38 6.21
C TYR A 234 1.93 -19.43 7.74
N GLN A 235 0.68 -19.14 8.17
CA GLN A 235 0.20 -19.04 9.55
C GLN A 235 0.75 -20.11 10.53
N GLY A 236 0.71 -21.39 10.13
CA GLY A 236 1.19 -22.47 11.01
C GLY A 236 2.70 -22.55 11.18
N LEU A 237 3.44 -21.85 10.31
CA LEU A 237 4.90 -21.87 10.30
C LEU A 237 5.52 -20.69 10.99
N SER A 238 6.68 -20.91 11.63
CA SER A 238 7.47 -19.83 12.21
C SER A 238 8.20 -19.12 11.05
N ASN A 239 8.76 -17.93 11.30
CA ASN A 239 9.49 -17.18 10.28
C ASN A 239 10.64 -17.99 9.63
N GLU A 240 11.41 -18.74 10.45
CA GLU A 240 12.51 -19.57 9.95
C GLU A 240 11.97 -20.66 9.05
N GLN A 241 10.81 -21.26 9.44
CA GLN A 241 10.18 -22.29 8.63
C GLN A 241 9.67 -21.72 7.31
N VAL A 242 9.22 -20.43 7.29
CA VAL A 242 8.72 -19.75 6.08
C VAL A 242 9.87 -19.65 5.03
N LEU A 243 11.07 -19.28 5.51
CA LEU A 243 12.29 -19.10 4.74
C LEU A 243 12.67 -20.38 4.03
N ARG A 244 12.73 -21.49 4.77
CA ARG A 244 13.03 -22.81 4.23
C ARG A 244 11.95 -23.20 3.21
N PHE A 245 10.66 -23.13 3.63
CA PHE A 245 9.51 -23.49 2.81
C PHE A 245 9.46 -22.79 1.48
N VAL A 246 9.60 -21.46 1.45
CA VAL A 246 9.52 -20.63 0.22
C VAL A 246 10.70 -20.84 -0.71
N MET A 247 11.94 -20.73 -0.19
CA MET A 247 13.17 -20.94 -0.97
C MET A 247 13.24 -22.35 -1.55
N GLU A 248 12.54 -23.31 -0.91
CA GLU A 248 12.47 -24.70 -1.39
C GLU A 248 11.34 -24.97 -2.40
N GLY A 249 10.58 -23.92 -2.73
CA GLY A 249 9.51 -24.03 -3.71
C GLY A 249 8.14 -24.28 -3.13
N GLY A 250 8.01 -24.00 -1.85
CA GLY A 250 6.74 -24.15 -1.14
C GLY A 250 5.85 -22.97 -1.43
N LEU A 251 4.52 -23.23 -1.53
CA LEU A 251 3.47 -22.27 -1.85
C LEU A 251 2.33 -22.20 -0.81
N LEU A 252 1.61 -21.07 -0.80
CA LEU A 252 0.47 -20.88 0.08
C LEU A 252 -0.68 -21.77 -0.43
N ASP A 253 -1.54 -22.23 0.49
CA ASP A 253 -2.70 -23.05 0.14
C ASP A 253 -3.76 -22.17 -0.48
N LYS A 254 -4.58 -22.77 -1.33
CA LYS A 254 -5.71 -22.11 -1.93
C LYS A 254 -6.65 -21.82 -0.77
N PRO A 255 -7.04 -20.55 -0.56
CA PRO A 255 -7.95 -20.24 0.54
C PRO A 255 -9.28 -20.97 0.35
N ASP A 256 -9.99 -21.22 1.45
CA ASP A 256 -11.26 -21.91 1.36
C ASP A 256 -12.21 -21.03 0.59
N ASN A 257 -12.97 -21.64 -0.35
CA ASN A 257 -13.96 -20.94 -1.20
C ASN A 257 -13.34 -19.89 -2.14
N CYS A 258 -12.02 -19.97 -2.39
CA CYS A 258 -11.33 -19.06 -3.26
C CYS A 258 -11.53 -19.56 -4.70
N PRO A 259 -12.12 -18.72 -5.59
CA PRO A 259 -12.31 -19.16 -6.99
C PRO A 259 -10.98 -19.48 -7.65
N ASP A 260 -10.96 -20.56 -8.46
CA ASP A 260 -9.75 -21.05 -9.16
C ASP A 260 -9.03 -19.96 -9.95
N MET A 261 -9.82 -19.16 -10.66
CA MET A 261 -9.35 -18.03 -11.47
C MET A 261 -8.41 -17.14 -10.62
N LEU A 262 -8.83 -16.80 -9.37
CA LEU A 262 -8.05 -16.00 -8.45
C LEU A 262 -6.82 -16.78 -7.95
N PHE A 263 -6.97 -18.10 -7.63
CA PHE A 263 -5.82 -18.90 -7.22
C PHE A 263 -4.77 -19.08 -8.33
N GLU A 264 -5.22 -19.20 -9.61
CA GLU A 264 -4.38 -19.34 -10.79
C GLU A 264 -3.48 -18.11 -10.93
N LEU A 265 -4.07 -16.90 -10.74
CA LEU A 265 -3.39 -15.62 -10.76
C LEU A 265 -2.33 -15.58 -9.69
N MET A 266 -2.66 -16.00 -8.43
CA MET A 266 -1.73 -16.08 -7.31
C MET A 266 -0.53 -16.95 -7.73
N ARG A 267 -0.80 -18.19 -8.23
CA ARG A 267 0.18 -19.15 -8.72
C ARG A 267 1.09 -18.60 -9.84
N MET A 268 0.58 -17.74 -10.75
CA MET A 268 1.39 -17.06 -11.79
C MET A 268 2.40 -16.14 -11.10
N CYS A 269 1.95 -15.35 -10.07
CA CYS A 269 2.81 -14.42 -9.32
C CYS A 269 3.84 -15.22 -8.52
N TRP A 270 3.51 -16.47 -8.15
CA TRP A 270 4.38 -17.34 -7.35
C TRP A 270 5.28 -18.32 -8.13
N GLN A 271 5.47 -18.06 -9.43
CA GLN A 271 6.38 -18.88 -10.24
C GLN A 271 7.76 -18.68 -9.62
N TYR A 272 8.49 -19.80 -9.39
CA TYR A 272 9.81 -19.78 -8.75
C TYR A 272 10.76 -18.87 -9.51
N ASN A 273 10.76 -18.97 -10.86
CA ASN A 273 11.62 -18.09 -11.66
C ASN A 273 10.97 -16.72 -11.79
N PRO A 274 11.63 -15.61 -11.36
CA PRO A 274 11.00 -14.28 -11.48
C PRO A 274 10.59 -13.89 -12.91
N LYS A 275 11.33 -14.41 -13.89
CA LYS A 275 11.13 -14.08 -15.30
C LYS A 275 9.91 -14.72 -15.92
N MET A 276 9.38 -15.78 -15.28
CA MET A 276 8.17 -16.51 -15.67
C MET A 276 6.89 -15.90 -15.06
N ARG A 277 7.04 -14.99 -14.08
CA ARG A 277 5.94 -14.29 -13.39
C ARG A 277 5.43 -13.19 -14.33
N PRO A 278 4.11 -12.93 -14.38
CA PRO A 278 3.61 -11.88 -15.28
C PRO A 278 3.96 -10.50 -14.73
N SER A 279 4.05 -9.47 -15.60
CA SER A 279 4.29 -8.09 -15.20
C SER A 279 2.95 -7.58 -14.61
N PHE A 280 2.95 -6.40 -13.97
CA PHE A 280 1.70 -5.84 -13.46
C PHE A 280 0.72 -5.52 -14.59
N LEU A 281 1.24 -5.04 -15.72
CA LEU A 281 0.49 -4.76 -16.95
C LEU A 281 -0.20 -5.99 -17.47
N GLU A 282 0.52 -7.13 -17.48
CA GLU A 282 0.03 -8.44 -17.88
C GLU A 282 -1.13 -8.91 -16.98
N ILE A 283 -1.00 -8.70 -15.65
CA ILE A 283 -2.00 -9.00 -14.62
C ILE A 283 -3.28 -8.22 -14.88
N ILE A 284 -3.18 -6.87 -15.09
CA ILE A 284 -4.31 -5.99 -15.40
C ILE A 284 -4.99 -6.43 -16.68
N SER A 285 -4.21 -6.63 -17.73
CA SER A 285 -4.75 -7.11 -19.01
C SER A 285 -5.61 -8.35 -18.85
N SER A 286 -5.17 -9.34 -18.03
CA SER A 286 -5.94 -10.58 -17.84
C SER A 286 -7.30 -10.39 -17.14
N ILE A 287 -7.46 -9.29 -16.38
CA ILE A 287 -8.67 -8.97 -15.61
C ILE A 287 -9.35 -7.65 -16.04
N LYS A 288 -8.83 -6.94 -17.10
CA LYS A 288 -9.44 -5.64 -17.50
C LYS A 288 -10.98 -5.70 -17.77
N GLU A 289 -11.46 -6.83 -18.33
CA GLU A 289 -12.87 -7.05 -18.67
C GLU A 289 -13.77 -7.08 -17.41
N GLU A 290 -13.17 -7.43 -16.28
CA GLU A 290 -13.87 -7.57 -15.00
C GLU A 290 -13.94 -6.35 -14.10
N MET A 291 -13.21 -5.28 -14.45
CA MET A 291 -13.12 -4.01 -13.71
C MET A 291 -14.36 -3.16 -13.96
N GLU A 292 -14.69 -2.26 -13.00
CA GLU A 292 -15.81 -1.30 -13.13
C GLU A 292 -15.55 -0.39 -14.34
N PRO A 293 -16.61 0.04 -15.08
CA PRO A 293 -16.38 0.86 -16.29
C PRO A 293 -15.49 2.11 -16.14
N GLY A 294 -15.53 2.74 -14.96
CA GLY A 294 -14.68 3.90 -14.68
C GLY A 294 -13.19 3.64 -14.74
N PHE A 295 -12.76 2.39 -14.56
CA PHE A 295 -11.35 1.98 -14.62
C PHE A 295 -10.67 2.43 -15.91
N ARG A 296 -11.39 2.34 -17.03
CA ARG A 296 -10.87 2.76 -18.35
C ARG A 296 -10.57 4.25 -18.37
N GLU A 297 -11.18 5.02 -17.44
CA GLU A 297 -11.01 6.47 -17.44
C GLU A 297 -10.05 6.99 -16.39
N VAL A 298 -9.76 6.19 -15.37
CA VAL A 298 -8.92 6.67 -14.27
C VAL A 298 -7.59 5.97 -14.12
N SER A 299 -7.47 4.71 -14.61
CA SER A 299 -6.26 3.90 -14.47
C SER A 299 -5.04 4.43 -15.19
N PHE A 300 -3.86 4.04 -14.71
CA PHE A 300 -2.60 4.27 -15.38
C PHE A 300 -2.63 3.39 -16.64
N TYR A 301 -3.20 2.16 -16.53
CA TYR A 301 -3.27 1.20 -17.65
C TYR A 301 -3.84 1.79 -18.93
N TYR A 302 -4.93 2.50 -18.84
CA TYR A 302 -5.60 3.11 -19.98
C TYR A 302 -5.08 4.52 -20.29
N SER A 303 -4.04 4.99 -19.54
CA SER A 303 -3.49 6.34 -19.75
C SER A 303 -2.50 6.45 -20.88
N GLU A 304 -2.29 7.70 -21.37
CA GLU A 304 -1.31 7.99 -22.41
C GLU A 304 0.10 7.61 -21.95
N GLU A 305 0.39 7.77 -20.63
CA GLU A 305 1.64 7.43 -19.93
C GLU A 305 1.98 5.94 -20.05
N ASN A 306 0.95 5.04 -20.16
CA ASN A 306 1.22 3.61 -20.35
C ASN A 306 1.60 3.35 -21.83
N LYS A 307 2.85 3.71 -22.15
CA LYS A 307 3.55 3.66 -23.46
C LYS A 307 2.74 4.00 -24.71
#